data_8XTO
#
_entry.id   8XTO
#
_entity_poly.entity_id   1
_entity_poly.type   'polypeptide(L)'
_entity_poly.pdbx_seq_one_letter_code
;LGGGSVRFGPGVAFRAPSIHG
;
_entity_poly.pdbx_strand_id   A
#
# COMPACT_ATOMS: atom_id res chain seq x y z
N LEU A 1 -16.08 -0.28 -1.29
CA LEU A 1 -16.30 -1.14 -2.50
C LEU A 1 -15.05 -1.12 -3.36
N GLY A 2 -14.99 -2.06 -4.31
CA GLY A 2 -13.84 -2.15 -5.22
C GLY A 2 -12.62 -2.78 -4.52
N GLY A 3 -12.85 -3.48 -3.41
CA GLY A 3 -11.77 -4.12 -2.67
C GLY A 3 -10.75 -3.09 -2.20
N GLY A 4 -9.47 -3.38 -2.45
CA GLY A 4 -8.39 -2.48 -2.06
C GLY A 4 -8.29 -1.29 -3.01
N SER A 5 -7.45 -0.32 -2.64
CA SER A 5 -7.26 0.87 -3.47
C SER A 5 -5.78 1.07 -3.79
N VAL A 6 -5.51 1.55 -5.01
CA VAL A 6 -4.14 1.78 -5.44
C VAL A 6 -3.54 2.98 -4.68
N ARG A 7 -4.34 4.04 -4.53
CA ARG A 7 -3.88 5.24 -3.84
C ARG A 7 -4.48 5.32 -2.44
N PHE A 8 -3.61 5.16 -1.45
CA PHE A 8 -4.00 5.18 -0.04
C PHE A 8 -2.98 5.94 0.80
N GLY A 9 -3.40 6.37 1.99
CA GLY A 9 -2.52 7.12 2.90
C GLY A 9 -1.61 6.16 3.67
N PRO A 10 -0.76 6.66 4.57
CA PRO A 10 0.18 5.79 5.36
C PRO A 10 -0.58 4.95 6.39
N GLY A 11 -0.04 3.77 6.67
CA GLY A 11 -0.66 2.86 7.65
C GLY A 11 -0.03 1.48 7.55
N VAL A 12 -0.61 0.52 8.29
CA VAL A 12 -0.10 -0.86 8.29
C VAL A 12 -0.38 -1.56 6.97
N ALA A 13 -1.30 -1.02 6.16
CA ALA A 13 -1.64 -1.62 4.87
C ALA A 13 -0.67 -1.16 3.80
N PHE A 14 0.29 -2.03 3.49
CA PHE A 14 1.30 -1.74 2.47
C PHE A 14 1.56 -3.00 1.62
N ARG A 15 2.20 -2.81 0.46
CA ARG A 15 2.51 -3.94 -0.42
C ARG A 15 3.24 -5.04 0.33
N ALA A 16 3.21 -6.27 -0.21
CA ALA A 16 3.88 -7.38 0.45
C ALA A 16 5.38 -7.09 0.57
N PRO A 17 6.06 -7.62 1.59
CA PRO A 17 7.53 -7.35 1.77
C PRO A 17 8.30 -7.62 0.49
N SER A 18 9.02 -6.61 0.03
CA SER A 18 9.81 -6.71 -1.19
C SER A 18 11.27 -7.03 -0.85
N ILE A 19 12.03 -7.44 -1.87
CA ILE A 19 13.44 -7.77 -1.68
C ILE A 19 14.15 -6.52 -1.16
N HIS A 20 13.88 -5.39 -1.83
CA HIS A 20 14.44 -4.10 -1.45
C HIS A 20 13.59 -3.42 -0.36
N GLY A 21 12.39 -3.97 -0.10
CA GLY A 21 11.49 -3.42 0.91
C GLY A 21 12.20 -3.27 2.26
N LEU A 1 -14.74 -2.17 5.10
CA LEU A 1 -15.28 -0.91 4.49
C LEU A 1 -14.15 -0.16 3.79
N GLY A 2 -13.10 0.15 4.54
CA GLY A 2 -11.95 0.87 3.99
C GLY A 2 -11.02 -0.08 3.25
N GLY A 3 -9.97 0.49 2.64
CA GLY A 3 -9.00 -0.31 1.89
C GLY A 3 -9.53 -0.63 0.50
N GLY A 4 -8.82 -1.51 -0.21
CA GLY A 4 -9.21 -1.92 -1.56
C GLY A 4 -9.00 -0.79 -2.58
N SER A 5 -8.07 0.12 -2.28
CA SER A 5 -7.78 1.25 -3.16
C SER A 5 -6.29 1.27 -3.51
N VAL A 6 -5.99 1.66 -4.75
CA VAL A 6 -4.61 1.74 -5.22
C VAL A 6 -3.89 2.89 -4.51
N ARG A 7 -4.57 4.04 -4.39
CA ARG A 7 -3.98 5.21 -3.74
C ARG A 7 -4.54 5.40 -2.33
N PHE A 8 -3.67 5.20 -1.34
CA PHE A 8 -4.03 5.32 0.07
C PHE A 8 -2.94 6.02 0.86
N GLY A 9 -3.31 6.56 2.02
CA GLY A 9 -2.35 7.27 2.87
C GLY A 9 -1.50 6.28 3.68
N PRO A 10 -0.52 6.74 4.45
CA PRO A 10 0.34 5.83 5.28
C PRO A 10 -0.47 4.98 6.25
N GLY A 11 -0.06 3.73 6.42
CA GLY A 11 -0.76 2.80 7.32
C GLY A 11 -0.14 1.42 7.27
N VAL A 12 -0.74 0.48 7.98
CA VAL A 12 -0.24 -0.90 8.02
C VAL A 12 -0.47 -1.63 6.69
N ALA A 13 -1.37 -1.08 5.84
CA ALA A 13 -1.66 -1.68 4.55
C ALA A 13 -0.63 -1.24 3.51
N PHE A 14 0.34 -2.10 3.24
CA PHE A 14 1.38 -1.82 2.26
C PHE A 14 1.68 -3.07 1.43
N ARG A 15 2.36 -2.90 0.30
CA ARG A 15 2.70 -4.03 -0.57
C ARG A 15 3.41 -5.13 0.22
N ALA A 16 3.39 -6.35 -0.30
CA ALA A 16 4.03 -7.47 0.38
C ALA A 16 5.53 -7.19 0.56
N PRO A 17 6.18 -7.71 1.60
CA PRO A 17 7.64 -7.45 1.83
C PRO A 17 8.45 -7.72 0.56
N SER A 18 9.17 -6.70 0.13
CA SER A 18 10.01 -6.79 -1.07
C SER A 18 11.44 -7.10 -0.69
N ILE A 19 12.25 -7.50 -1.68
CA ILE A 19 13.66 -7.81 -1.45
C ILE A 19 14.34 -6.54 -0.90
N HIS A 20 14.07 -5.42 -1.58
CA HIS A 20 14.60 -4.12 -1.17
C HIS A 20 13.71 -3.46 -0.11
N GLY A 21 12.50 -4.02 0.11
CA GLY A 21 11.56 -3.48 1.10
C GLY A 21 12.22 -3.35 2.46
N LEU A 1 -14.32 10.95 -4.78
CA LEU A 1 -13.47 9.99 -5.55
C LEU A 1 -12.25 9.61 -4.70
N GLY A 2 -11.41 8.73 -5.25
CA GLY A 2 -10.21 8.28 -4.55
C GLY A 2 -10.55 7.21 -3.52
N GLY A 3 -9.59 6.91 -2.64
CA GLY A 3 -9.78 5.91 -1.59
C GLY A 3 -9.69 4.48 -2.15
N GLY A 4 -9.10 4.33 -3.35
CA GLY A 4 -8.95 3.02 -3.97
C GLY A 4 -7.81 2.24 -3.32
N SER A 5 -7.69 0.97 -3.69
CA SER A 5 -6.64 0.10 -3.14
C SER A 5 -5.26 0.64 -3.50
N VAL A 6 -5.11 1.14 -4.72
CA VAL A 6 -3.82 1.68 -5.18
C VAL A 6 -3.45 2.94 -4.39
N ARG A 7 -4.43 3.83 -4.18
CA ARG A 7 -4.17 5.08 -3.44
C ARG A 7 -4.75 5.03 -2.03
N PHE A 8 -3.86 5.04 -1.06
CA PHE A 8 -4.24 4.99 0.36
C PHE A 8 -3.37 5.94 1.19
N GLY A 9 -3.89 6.34 2.35
CA GLY A 9 -3.16 7.24 3.25
C GLY A 9 -2.13 6.46 4.08
N PRO A 10 -1.33 7.13 4.92
CA PRO A 10 -0.31 6.44 5.78
C PRO A 10 -0.94 5.38 6.67
N GLY A 11 -0.25 4.25 6.82
CA GLY A 11 -0.74 3.15 7.65
C GLY A 11 0.11 1.90 7.46
N VAL A 12 -0.37 0.78 8.01
CA VAL A 12 0.36 -0.49 7.91
C VAL A 12 -0.02 -1.27 6.64
N ALA A 13 -0.94 -0.72 5.83
CA ALA A 13 -1.36 -1.39 4.60
C ALA A 13 -0.43 -1.04 3.45
N PHE A 14 0.48 -1.95 3.14
CA PHE A 14 1.44 -1.75 2.04
C PHE A 14 1.59 -3.04 1.23
N ARG A 15 2.15 -2.93 0.03
CA ARG A 15 2.35 -4.10 -0.83
C ARG A 15 3.10 -5.21 -0.07
N ALA A 16 3.21 -6.38 -0.69
CA ALA A 16 3.89 -7.51 -0.04
C ALA A 16 5.36 -7.14 0.24
N PRO A 17 5.96 -7.66 1.30
CA PRO A 17 7.39 -7.34 1.63
C PRO A 17 8.34 -7.79 0.53
N SER A 18 9.04 -6.81 -0.05
CA SER A 18 9.99 -7.07 -1.13
C SER A 18 11.40 -7.22 -0.58
N ILE A 19 12.27 -7.87 -1.34
CA ILE A 19 13.67 -8.06 -0.92
C ILE A 19 14.31 -6.69 -0.74
N HIS A 20 14.09 -5.83 -1.74
CA HIS A 20 14.60 -4.46 -1.71
C HIS A 20 13.64 -3.53 -0.95
N GLY A 21 12.42 -4.00 -0.67
CA GLY A 21 11.43 -3.21 0.04
C GLY A 21 11.22 -1.84 -0.61
N LEU A 1 -6.34 12.78 -1.88
CA LEU A 1 -6.26 12.75 -3.37
C LEU A 1 -6.25 11.30 -3.85
N GLY A 2 -7.09 11.02 -4.85
CA GLY A 2 -7.18 9.66 -5.39
C GLY A 2 -8.05 8.78 -4.52
N GLY A 3 -8.04 7.48 -4.81
CA GLY A 3 -8.83 6.50 -4.05
C GLY A 3 -8.59 5.09 -4.55
N GLY A 4 -9.30 4.13 -3.96
CA GLY A 4 -9.17 2.73 -4.34
C GLY A 4 -8.04 2.05 -3.57
N SER A 5 -7.80 0.78 -3.89
CA SER A 5 -6.74 0.00 -3.22
C SER A 5 -5.37 0.60 -3.49
N VAL A 6 -5.16 1.08 -4.71
CA VAL A 6 -3.87 1.67 -5.09
C VAL A 6 -3.59 2.94 -4.29
N ARG A 7 -4.62 3.81 -4.14
CA ARG A 7 -4.45 5.07 -3.40
C ARG A 7 -5.07 4.97 -2.01
N PHE A 8 -4.21 5.04 -1.00
CA PHE A 8 -4.61 4.97 0.40
C PHE A 8 -3.82 5.96 1.25
N GLY A 9 -4.39 6.32 2.40
CA GLY A 9 -3.74 7.26 3.32
C GLY A 9 -2.69 6.55 4.17
N PRO A 10 -1.96 7.27 5.04
CA PRO A 10 -0.90 6.65 5.91
C PRO A 10 -1.46 5.52 6.76
N GLY A 11 -0.68 4.45 6.92
CA GLY A 11 -1.10 3.30 7.72
C GLY A 11 -0.12 2.15 7.55
N VAL A 12 -0.51 0.97 8.06
CA VAL A 12 0.34 -0.23 7.96
C VAL A 12 0.02 -1.04 6.70
N ALA A 13 -0.91 -0.56 5.87
CA ALA A 13 -1.28 -1.27 4.64
C ALA A 13 -0.36 -0.86 3.50
N PHE A 14 0.61 -1.73 3.20
CA PHE A 14 1.57 -1.48 2.13
C PHE A 14 1.81 -2.76 1.32
N ARG A 15 2.38 -2.61 0.12
CA ARG A 15 2.66 -3.76 -0.74
C ARG A 15 3.45 -4.83 0.01
N ALA A 16 3.53 -6.03 -0.56
CA ALA A 16 4.26 -7.12 0.10
C ALA A 16 5.74 -6.76 0.23
N PRO A 17 6.46 -7.29 1.21
CA PRO A 17 7.91 -6.98 1.39
C PRO A 17 8.70 -7.19 0.09
N SER A 18 9.56 -6.22 -0.22
CA SER A 18 10.37 -6.28 -1.43
C SER A 18 11.44 -7.35 -1.30
N ILE A 19 12.13 -7.63 -2.42
CA ILE A 19 13.19 -8.65 -2.43
C ILE A 19 14.25 -8.24 -1.40
N HIS A 20 14.64 -6.98 -1.46
CA HIS A 20 15.62 -6.42 -0.52
C HIS A 20 14.94 -6.06 0.83
N GLY A 21 13.61 -6.09 0.87
CA GLY A 21 12.86 -5.78 2.09
C GLY A 21 13.38 -6.58 3.28
N LEU A 1 -9.47 14.16 -5.44
CA LEU A 1 -8.81 13.28 -4.45
C LEU A 1 -8.83 11.84 -4.96
N GLY A 2 -7.80 11.08 -4.61
CA GLY A 2 -7.70 9.68 -5.03
C GLY A 2 -8.55 8.78 -4.15
N GLY A 3 -8.54 7.47 -4.46
CA GLY A 3 -9.31 6.50 -3.69
C GLY A 3 -9.06 5.08 -4.21
N GLY A 4 -9.74 4.11 -3.59
CA GLY A 4 -9.60 2.71 -3.98
C GLY A 4 -8.42 2.06 -3.28
N SER A 5 -8.18 0.78 -3.58
CA SER A 5 -7.08 0.04 -2.98
C SER A 5 -5.74 0.65 -3.35
N VAL A 6 -5.60 1.09 -4.59
CA VAL A 6 -4.37 1.69 -5.08
C VAL A 6 -4.02 2.97 -4.30
N ARG A 7 -5.02 3.84 -4.11
CA ARG A 7 -4.80 5.11 -3.40
C ARG A 7 -5.30 5.05 -1.96
N PHE A 8 -4.36 5.09 -1.03
CA PHE A 8 -4.66 5.04 0.40
C PHE A 8 -3.78 6.02 1.18
N GLY A 9 -4.22 6.34 2.41
CA GLY A 9 -3.48 7.26 3.26
C GLY A 9 -2.35 6.52 4.00
N PRO A 10 -1.66 7.16 4.94
CA PRO A 10 -0.55 6.49 5.70
C PRO A 10 -1.06 5.41 6.63
N GLY A 11 -0.25 4.36 6.81
CA GLY A 11 -0.63 3.24 7.66
C GLY A 11 0.29 2.05 7.44
N VAL A 12 -0.11 0.89 7.96
CA VAL A 12 0.69 -0.33 7.82
C VAL A 12 0.27 -1.15 6.58
N ALA A 13 -0.72 -0.66 5.83
CA ALA A 13 -1.18 -1.36 4.63
C ALA A 13 -0.36 -0.95 3.42
N PHE A 14 0.59 -1.79 3.04
CA PHE A 14 1.46 -1.54 1.90
C PHE A 14 1.65 -2.81 1.07
N ARG A 15 2.14 -2.64 -0.16
CA ARG A 15 2.37 -3.79 -1.06
C ARG A 15 3.22 -4.85 -0.35
N ALA A 16 3.39 -6.00 -1.00
CA ALA A 16 4.17 -7.09 -0.40
C ALA A 16 5.61 -6.62 -0.14
N PRO A 17 6.31 -7.18 0.85
CA PRO A 17 7.71 -6.76 1.15
C PRO A 17 8.65 -7.05 -0.02
N SER A 18 9.58 -6.13 -0.24
CA SER A 18 10.54 -6.26 -1.33
C SER A 18 11.58 -7.32 -1.00
N ILE A 19 12.40 -7.67 -1.99
CA ILE A 19 13.44 -8.69 -1.80
C ILE A 19 14.37 -8.22 -0.67
N HIS A 20 14.77 -6.96 -0.76
CA HIS A 20 15.63 -6.34 0.26
C HIS A 20 14.80 -5.90 1.49
N GLY A 21 13.47 -5.91 1.35
CA GLY A 21 12.58 -5.51 2.45
C GLY A 21 12.94 -4.12 2.97
N LEU A 1 -8.43 13.35 -2.42
CA LEU A 1 -9.01 13.37 -3.80
C LEU A 1 -9.06 11.96 -4.36
N GLY A 2 -7.98 11.20 -4.14
CA GLY A 2 -7.89 9.83 -4.63
C GLY A 2 -8.64 8.88 -3.70
N GLY A 3 -8.66 7.60 -4.07
CA GLY A 3 -9.35 6.58 -3.27
C GLY A 3 -9.15 5.19 -3.87
N GLY A 4 -9.77 4.20 -3.24
CA GLY A 4 -9.67 2.81 -3.70
C GLY A 4 -8.47 2.11 -3.08
N SER A 5 -8.27 0.85 -3.44
CA SER A 5 -7.17 0.05 -2.90
C SER A 5 -5.82 0.65 -3.30
N VAL A 6 -5.74 1.14 -4.53
CA VAL A 6 -4.50 1.73 -5.05
C VAL A 6 -4.13 2.99 -4.26
N ARG A 7 -5.12 3.87 -4.02
CA ARG A 7 -4.87 5.12 -3.29
C ARG A 7 -5.37 5.04 -1.85
N PHE A 8 -4.43 5.09 -0.92
CA PHE A 8 -4.72 5.02 0.51
C PHE A 8 -3.86 5.99 1.29
N GLY A 9 -4.32 6.36 2.50
CA GLY A 9 -3.59 7.29 3.35
C GLY A 9 -2.48 6.56 4.12
N PRO A 10 -1.68 7.26 4.94
CA PRO A 10 -0.58 6.61 5.72
C PRO A 10 -1.09 5.50 6.62
N GLY A 11 -0.32 4.41 6.71
CA GLY A 11 -0.70 3.26 7.54
C GLY A 11 0.24 2.10 7.29
N VAL A 12 -0.12 0.93 7.84
CA VAL A 12 0.70 -0.28 7.68
C VAL A 12 0.30 -1.09 6.45
N ALA A 13 -0.69 -0.59 5.67
CA ALA A 13 -1.14 -1.29 4.47
C ALA A 13 -0.28 -0.89 3.27
N PHE A 14 0.66 -1.76 2.91
CA PHE A 14 1.55 -1.51 1.78
C PHE A 14 1.74 -2.78 0.96
N ARG A 15 2.25 -2.63 -0.27
CA ARG A 15 2.48 -3.78 -1.15
C ARG A 15 3.30 -4.86 -0.43
N ALA A 16 3.47 -6.02 -1.07
CA ALA A 16 4.23 -7.10 -0.46
C ALA A 16 5.66 -6.65 -0.18
N PRO A 17 6.35 -7.24 0.82
CA PRO A 17 7.75 -6.83 1.14
C PRO A 17 8.70 -7.12 -0.02
N SER A 18 9.65 -6.20 -0.22
CA SER A 18 10.62 -6.33 -1.29
C SER A 18 11.65 -7.40 -0.96
N ILE A 19 12.49 -7.75 -1.93
CA ILE A 19 13.52 -8.78 -1.73
C ILE A 19 14.42 -8.33 -0.59
N HIS A 20 14.84 -7.08 -0.64
CA HIS A 20 15.69 -6.48 0.40
C HIS A 20 14.84 -6.03 1.60
N GLY A 21 13.50 -6.03 1.45
CA GLY A 21 12.60 -5.62 2.52
C GLY A 21 12.96 -4.24 3.05
N LEU A 1 -14.68 6.35 -8.94
CA LEU A 1 -14.47 7.80 -8.67
C LEU A 1 -13.20 7.98 -7.85
N GLY A 2 -13.12 7.27 -6.73
CA GLY A 2 -11.95 7.35 -5.86
C GLY A 2 -12.10 6.41 -4.65
N GLY A 3 -11.12 6.45 -3.76
CA GLY A 3 -11.14 5.61 -2.56
C GLY A 3 -10.81 4.15 -2.87
N GLY A 4 -10.18 3.91 -4.03
CA GLY A 4 -9.81 2.55 -4.43
C GLY A 4 -8.57 2.08 -3.69
N SER A 5 -8.22 0.81 -3.88
CA SER A 5 -7.05 0.23 -3.23
C SER A 5 -5.75 0.91 -3.68
N VAL A 6 -5.77 1.52 -4.87
CA VAL A 6 -4.58 2.20 -5.40
C VAL A 6 -4.27 3.45 -4.57
N ARG A 7 -5.31 4.22 -4.21
CA ARG A 7 -5.12 5.44 -3.43
C ARG A 7 -5.57 5.25 -1.98
N PHE A 8 -4.57 5.27 -1.08
CA PHE A 8 -4.81 5.09 0.35
C PHE A 8 -3.97 6.06 1.17
N GLY A 9 -4.39 6.29 2.41
CA GLY A 9 -3.67 7.19 3.31
C GLY A 9 -2.50 6.46 3.99
N PRO A 10 -1.74 7.11 4.87
CA PRO A 10 -0.58 6.45 5.56
C PRO A 10 -1.04 5.39 6.55
N GLY A 11 -0.22 4.35 6.71
CA GLY A 11 -0.53 3.26 7.62
C GLY A 11 0.42 2.08 7.41
N VAL A 12 0.08 0.94 8.01
CA VAL A 12 0.91 -0.27 7.89
C VAL A 12 0.47 -1.16 6.71
N ALA A 13 -0.56 -0.73 5.98
CA ALA A 13 -1.06 -1.50 4.83
C ALA A 13 -0.28 -1.11 3.56
N PHE A 14 0.67 -1.97 3.19
CA PHE A 14 1.48 -1.73 2.00
C PHE A 14 1.67 -3.03 1.23
N ARG A 15 2.12 -2.93 -0.03
CA ARG A 15 2.35 -4.10 -0.88
C ARG A 15 3.25 -5.10 -0.17
N ALA A 16 3.42 -6.28 -0.76
CA ALA A 16 4.26 -7.31 -0.15
C ALA A 16 5.69 -6.79 0.04
N PRO A 17 6.45 -7.29 1.03
CA PRO A 17 7.84 -6.81 1.26
C PRO A 17 8.75 -7.14 0.08
N SER A 18 9.65 -6.21 -0.22
CA SER A 18 10.59 -6.38 -1.33
C SER A 18 11.66 -7.39 -0.97
N ILE A 19 12.47 -7.78 -1.97
CA ILE A 19 13.54 -8.76 -1.75
C ILE A 19 14.48 -8.21 -0.68
N HIS A 20 14.86 -6.94 -0.84
CA HIS A 20 15.72 -6.25 0.12
C HIS A 20 14.92 -5.77 1.35
N GLY A 21 13.58 -5.82 1.25
CA GLY A 21 12.71 -5.39 2.34
C GLY A 21 13.06 -3.98 2.79
N LEU A 1 -4.06 8.80 -0.04
CA LEU A 1 -4.89 10.04 0.08
C LEU A 1 -6.22 9.81 -0.61
N GLY A 2 -6.16 9.43 -1.89
CA GLY A 2 -7.37 9.18 -2.67
C GLY A 2 -7.93 7.79 -2.38
N GLY A 3 -9.07 7.48 -2.99
CA GLY A 3 -9.72 6.19 -2.80
C GLY A 3 -9.07 5.12 -3.67
N GLY A 4 -9.54 3.88 -3.51
CA GLY A 4 -9.01 2.76 -4.29
C GLY A 4 -7.89 2.05 -3.53
N SER A 5 -7.67 0.78 -3.87
CA SER A 5 -6.63 -0.02 -3.22
C SER A 5 -5.25 0.56 -3.49
N VAL A 6 -5.04 1.04 -4.72
CA VAL A 6 -3.74 1.60 -5.11
C VAL A 6 -3.44 2.87 -4.30
N ARG A 7 -4.44 3.74 -4.16
CA ARG A 7 -4.25 5.01 -3.43
C ARG A 7 -4.86 4.94 -2.03
N PHE A 8 -3.98 4.99 -1.04
CA PHE A 8 -4.38 4.93 0.38
C PHE A 8 -3.57 5.92 1.21
N GLY A 9 -4.11 6.31 2.36
CA GLY A 9 -3.43 7.25 3.25
C GLY A 9 -2.39 6.53 4.12
N PRO A 10 -1.66 7.23 4.99
CA PRO A 10 -0.63 6.59 5.87
C PRO A 10 -1.23 5.50 6.75
N GLY A 11 -0.48 4.40 6.92
CA GLY A 11 -0.94 3.28 7.73
C GLY A 11 -0.02 2.08 7.56
N VAL A 12 -0.46 0.93 8.08
CA VAL A 12 0.32 -0.31 7.98
C VAL A 12 -0.01 -1.10 6.71
N ALA A 13 -0.93 -0.59 5.88
CA ALA A 13 -1.31 -1.27 4.64
C ALA A 13 -0.37 -0.89 3.52
N PHE A 14 0.57 -1.79 3.21
CA PHE A 14 1.54 -1.57 2.15
C PHE A 14 1.74 -2.86 1.34
N ARG A 15 2.32 -2.72 0.14
CA ARG A 15 2.55 -3.88 -0.73
C ARG A 15 3.31 -4.98 0.02
N ALA A 16 3.31 -6.19 -0.52
CA ALA A 16 4.00 -7.31 0.12
C ALA A 16 5.50 -7.02 0.22
N PRO A 17 6.20 -7.57 1.21
CA PRO A 17 7.67 -7.30 1.37
C PRO A 17 8.43 -7.58 0.09
N SER A 18 9.32 -6.65 -0.26
CA SER A 18 10.12 -6.76 -1.48
C SER A 18 11.47 -7.39 -1.18
N ILE A 19 12.14 -7.85 -2.22
CA ILE A 19 13.47 -8.47 -2.07
C ILE A 19 14.40 -7.54 -1.26
N HIS A 20 14.11 -6.24 -1.30
CA HIS A 20 14.90 -5.24 -0.58
C HIS A 20 13.98 -4.31 0.25
N GLY A 21 12.75 -4.78 0.53
CA GLY A 21 11.78 -3.99 1.29
C GLY A 21 12.36 -3.59 2.66
N LEU A 1 -14.88 4.54 -4.91
CA LEU A 1 -14.97 5.79 -4.13
C LEU A 1 -13.69 5.95 -3.31
N GLY A 2 -13.20 7.20 -3.23
CA GLY A 2 -11.98 7.49 -2.49
C GLY A 2 -10.74 7.13 -3.30
N GLY A 3 -9.58 7.12 -2.62
CA GLY A 3 -8.32 6.78 -3.26
C GLY A 3 -8.35 5.36 -3.83
N GLY A 4 -8.96 4.44 -3.08
CA GLY A 4 -9.06 3.05 -3.51
C GLY A 4 -7.88 2.24 -2.99
N SER A 5 -7.81 0.98 -3.40
CA SER A 5 -6.74 0.09 -2.97
C SER A 5 -5.38 0.62 -3.42
N VAL A 6 -5.32 1.13 -4.64
CA VAL A 6 -4.06 1.67 -5.19
C VAL A 6 -3.63 2.92 -4.43
N ARG A 7 -4.58 3.82 -4.14
CA ARG A 7 -4.25 5.06 -3.43
C ARG A 7 -4.78 5.02 -1.99
N PHE A 8 -3.85 5.02 -1.06
CA PHE A 8 -4.18 4.98 0.38
C PHE A 8 -3.26 5.92 1.17
N GLY A 9 -3.74 6.34 2.34
CA GLY A 9 -2.97 7.24 3.20
C GLY A 9 -1.94 6.46 4.03
N PRO A 10 -1.11 7.12 4.84
CA PRO A 10 -0.08 6.41 5.68
C PRO A 10 -0.72 5.36 6.59
N GLY A 11 -0.04 4.23 6.74
CA GLY A 11 -0.53 3.14 7.57
C GLY A 11 0.31 1.88 7.39
N VAL A 12 -0.20 0.76 7.91
CA VAL A 12 0.49 -0.52 7.81
C VAL A 12 0.07 -1.30 6.55
N ALA A 13 -0.84 -0.74 5.76
CA ALA A 13 -1.32 -1.40 4.54
C ALA A 13 -0.40 -1.05 3.37
N PHE A 14 0.49 -1.99 3.03
CA PHE A 14 1.43 -1.81 1.93
C PHE A 14 1.54 -3.11 1.12
N ARG A 15 2.09 -3.00 -0.09
CA ARG A 15 2.27 -4.17 -0.96
C ARG A 15 3.01 -5.27 -0.22
N ALA A 16 3.11 -6.45 -0.85
CA ALA A 16 3.81 -7.58 -0.21
C ALA A 16 5.26 -7.19 0.09
N PRO A 17 5.87 -7.71 1.16
CA PRO A 17 7.28 -7.36 1.51
C PRO A 17 8.26 -7.81 0.42
N SER A 18 9.02 -6.84 -0.10
CA SER A 18 10.00 -7.11 -1.14
C SER A 18 11.38 -7.30 -0.54
N ILE A 19 12.33 -7.71 -1.39
CA ILE A 19 13.70 -7.94 -0.95
C ILE A 19 14.27 -6.63 -0.38
N HIS A 20 14.01 -5.54 -1.11
CA HIS A 20 14.49 -4.21 -0.73
C HIS A 20 13.35 -3.18 -0.78
N GLY A 21 12.12 -3.64 -0.53
CA GLY A 21 10.95 -2.76 -0.53
C GLY A 21 10.85 -2.00 -1.85
N LEU A 1 -12.20 12.68 -5.72
CA LEU A 1 -13.57 12.53 -5.12
C LEU A 1 -13.73 11.12 -4.59
N GLY A 2 -14.50 10.99 -3.51
CA GLY A 2 -14.74 9.68 -2.88
C GLY A 2 -13.43 9.04 -2.46
N GLY A 3 -13.25 7.77 -2.82
CA GLY A 3 -12.04 7.03 -2.47
C GLY A 3 -12.07 5.62 -3.05
N GLY A 4 -11.00 4.86 -2.80
CA GLY A 4 -10.90 3.49 -3.29
C GLY A 4 -9.58 2.86 -2.87
N SER A 5 -9.36 1.60 -3.27
CA SER A 5 -8.13 0.89 -2.94
C SER A 5 -6.91 1.58 -3.56
N VAL A 6 -7.12 2.29 -4.66
CA VAL A 6 -6.01 2.98 -5.35
C VAL A 6 -5.49 4.14 -4.49
N ARG A 7 -6.40 4.89 -3.87
CA ARG A 7 -6.02 6.03 -3.04
C ARG A 7 -6.18 5.72 -1.56
N PHE A 8 -5.05 5.63 -0.86
CA PHE A 8 -5.02 5.32 0.56
C PHE A 8 -3.98 6.17 1.28
N GLY A 9 -4.14 6.30 2.60
CA GLY A 9 -3.21 7.09 3.42
C GLY A 9 -1.95 6.27 3.74
N PRO A 10 -0.99 6.84 4.47
CA PRO A 10 0.27 6.11 4.82
C PRO A 10 0.05 5.10 5.96
N GLY A 11 -0.85 4.15 5.71
CA GLY A 11 -1.17 3.11 6.69
C GLY A 11 -0.18 1.95 6.60
N VAL A 12 -0.41 0.93 7.44
CA VAL A 12 0.45 -0.25 7.45
C VAL A 12 0.20 -1.18 6.25
N ALA A 13 -0.76 -0.82 5.39
CA ALA A 13 -1.09 -1.64 4.23
C ALA A 13 -0.17 -1.29 3.06
N PHE A 14 0.84 -2.14 2.84
CA PHE A 14 1.80 -1.95 1.75
C PHE A 14 2.09 -3.28 1.06
N ARG A 15 2.68 -3.22 -0.14
CA ARG A 15 3.00 -4.43 -0.90
C ARG A 15 3.83 -5.40 -0.04
N ALA A 16 4.06 -6.60 -0.55
CA ALA A 16 4.83 -7.60 0.20
C ALA A 16 6.27 -7.12 0.40
N PRO A 17 6.95 -7.54 1.46
CA PRO A 17 8.36 -7.10 1.72
C PRO A 17 9.26 -7.38 0.51
N SER A 18 10.12 -6.41 0.20
CA SER A 18 11.03 -6.53 -0.93
C SER A 18 12.11 -7.56 -0.63
N ILE A 19 12.90 -7.89 -1.66
CA ILE A 19 13.99 -8.87 -1.49
C ILE A 19 14.94 -8.37 -0.41
N HIS A 20 15.31 -7.10 -0.53
CA HIS A 20 16.19 -6.46 0.44
C HIS A 20 15.41 -6.01 1.69
N GLY A 21 14.07 -6.05 1.62
CA GLY A 21 13.21 -5.66 2.74
C GLY A 21 13.56 -4.25 3.21
N LEU A 1 -3.09 12.74 -2.86
CA LEU A 1 -2.83 12.45 -4.30
C LEU A 1 -3.37 11.07 -4.65
N GLY A 2 -4.31 11.03 -5.58
CA GLY A 2 -4.92 9.77 -6.00
C GLY A 2 -5.99 9.32 -5.01
N GLY A 3 -6.46 8.07 -5.17
CA GLY A 3 -7.48 7.51 -4.30
C GLY A 3 -7.77 6.06 -4.66
N GLY A 4 -8.74 5.46 -3.96
CA GLY A 4 -9.12 4.07 -4.20
C GLY A 4 -8.24 3.11 -3.41
N SER A 5 -8.47 1.81 -3.60
CA SER A 5 -7.70 0.78 -2.92
C SER A 5 -6.23 0.85 -3.29
N VAL A 6 -5.96 1.12 -4.57
CA VAL A 6 -4.58 1.19 -5.07
C VAL A 6 -3.82 2.34 -4.40
N ARG A 7 -4.47 3.51 -4.28
CA ARG A 7 -3.82 4.67 -3.67
C ARG A 7 -4.32 4.90 -2.25
N PHE A 8 -3.40 4.76 -1.30
CA PHE A 8 -3.70 4.93 0.13
C PHE A 8 -2.57 5.66 0.84
N GLY A 9 -2.91 6.29 1.97
CA GLY A 9 -1.91 7.03 2.76
C GLY A 9 -1.11 6.09 3.66
N PRO A 10 -0.17 6.60 4.45
CA PRO A 10 0.66 5.73 5.37
C PRO A 10 -0.21 4.93 6.34
N GLY A 11 0.18 3.68 6.57
CA GLY A 11 -0.56 2.80 7.47
C GLY A 11 -0.03 1.37 7.39
N VAL A 12 -0.71 0.45 8.08
CA VAL A 12 -0.30 -0.96 8.08
C VAL A 12 -0.55 -1.62 6.71
N ALA A 13 -1.40 -0.99 5.89
CA ALA A 13 -1.71 -1.53 4.57
C ALA A 13 -0.67 -1.07 3.55
N PHE A 14 0.28 -1.95 3.26
CA PHE A 14 1.34 -1.66 2.30
C PHE A 14 1.60 -2.87 1.40
N ARG A 15 2.32 -2.66 0.30
CA ARG A 15 2.63 -3.75 -0.64
C ARG A 15 3.28 -4.92 0.11
N ALA A 16 3.25 -6.11 -0.49
CA ALA A 16 3.83 -7.28 0.14
C ALA A 16 5.33 -7.06 0.38
N PRO A 17 5.93 -7.66 1.41
CA PRO A 17 7.38 -7.46 1.70
C PRO A 17 8.24 -7.68 0.46
N SER A 18 8.95 -6.64 0.07
CA SER A 18 9.81 -6.68 -1.10
C SER A 18 11.26 -6.98 -0.70
N ILE A 19 12.09 -7.21 -1.70
CA ILE A 19 13.51 -7.50 -1.47
C ILE A 19 14.14 -6.32 -0.73
N HIS A 20 13.82 -5.12 -1.20
CA HIS A 20 14.34 -3.87 -0.63
C HIS A 20 13.21 -2.88 -0.34
N GLY A 21 12.02 -3.40 -0.03
CA GLY A 21 10.86 -2.57 0.28
C GLY A 21 11.15 -1.64 1.46
N LEU A 1 -5.66 9.12 2.83
CA LEU A 1 -6.09 9.48 1.45
C LEU A 1 -7.42 8.80 1.12
N GLY A 2 -7.57 7.56 1.57
CA GLY A 2 -8.79 6.80 1.32
C GLY A 2 -9.05 6.66 -0.18
N GLY A 3 -10.27 6.99 -0.60
CA GLY A 3 -10.65 6.91 -2.00
C GLY A 3 -10.52 5.48 -2.52
N GLY A 4 -9.84 5.32 -3.66
CA GLY A 4 -9.63 4.01 -4.27
C GLY A 4 -8.71 3.14 -3.43
N SER A 5 -8.86 1.83 -3.57
CA SER A 5 -8.05 0.86 -2.82
C SER A 5 -6.58 1.01 -3.18
N VAL A 6 -6.29 1.25 -4.46
CA VAL A 6 -4.91 1.38 -4.93
C VAL A 6 -4.22 2.59 -4.26
N ARG A 7 -4.91 3.73 -4.19
CA ARG A 7 -4.32 4.93 -3.59
C ARG A 7 -4.83 5.15 -2.17
N PHE A 8 -3.90 5.02 -1.22
CA PHE A 8 -4.21 5.18 0.21
C PHE A 8 -3.09 5.93 0.91
N GLY A 9 -3.41 6.51 2.08
CA GLY A 9 -2.44 7.25 2.87
C GLY A 9 -1.57 6.30 3.70
N PRO A 10 -0.61 6.81 4.48
CA PRO A 10 0.29 5.94 5.32
C PRO A 10 -0.51 5.07 6.28
N GLY A 11 -0.06 3.82 6.45
CA GLY A 11 -0.73 2.87 7.34
C GLY A 11 -0.09 1.50 7.26
N VAL A 12 -0.67 0.53 7.96
CA VAL A 12 -0.16 -0.84 7.97
C VAL A 12 -0.38 -1.54 6.61
N ALA A 13 -1.28 -0.99 5.78
CA ALA A 13 -1.56 -1.57 4.48
C ALA A 13 -0.56 -1.08 3.45
N PHE A 14 0.43 -1.93 3.15
CA PHE A 14 1.47 -1.60 2.17
C PHE A 14 1.78 -2.83 1.31
N ARG A 15 2.47 -2.60 0.19
CA ARG A 15 2.82 -3.70 -0.72
C ARG A 15 3.54 -4.82 0.04
N ALA A 16 3.49 -6.04 -0.50
CA ALA A 16 4.15 -7.17 0.15
C ALA A 16 5.65 -6.90 0.30
N PRO A 17 6.31 -7.46 1.31
CA PRO A 17 7.78 -7.22 1.53
C PRO A 17 8.58 -7.44 0.24
N SER A 18 9.46 -6.50 -0.05
CA SER A 18 10.28 -6.56 -1.25
C SER A 18 11.64 -7.18 -0.92
N ILE A 19 12.38 -7.59 -1.96
CA ILE A 19 13.70 -8.19 -1.76
C ILE A 19 14.58 -7.30 -0.87
N HIS A 20 14.33 -5.99 -0.91
CA HIS A 20 15.08 -5.03 -0.09
C HIS A 20 14.17 -4.35 0.96
N GLY A 21 12.90 -4.78 1.03
CA GLY A 21 11.95 -4.21 1.99
C GLY A 21 12.50 -4.23 3.40
N LEU A 1 -15.47 -0.29 0.24
CA LEU A 1 -14.00 -0.08 0.05
C LEU A 1 -13.26 -1.36 0.43
N GLY A 2 -11.95 -1.34 0.23
CA GLY A 2 -11.11 -2.50 0.55
C GLY A 2 -9.65 -2.22 0.25
N GLY A 3 -8.79 -3.23 0.47
CA GLY A 3 -7.36 -3.08 0.22
C GLY A 3 -7.05 -3.26 -1.27
N GLY A 4 -5.78 -3.06 -1.63
CA GLY A 4 -5.35 -3.19 -3.02
C GLY A 4 -5.47 -1.87 -3.80
N SER A 5 -6.08 -0.85 -3.19
CA SER A 5 -6.23 0.45 -3.84
C SER A 5 -4.88 1.10 -4.08
N VAL A 6 -4.74 1.75 -5.23
CA VAL A 6 -3.49 2.42 -5.59
C VAL A 6 -3.29 3.66 -4.71
N ARG A 7 -4.37 4.42 -4.50
CA ARG A 7 -4.29 5.64 -3.69
C ARG A 7 -4.90 5.40 -2.31
N PHE A 8 -4.03 5.40 -1.31
CA PHE A 8 -4.43 5.16 0.08
C PHE A 8 -3.69 6.10 1.03
N GLY A 9 -4.24 6.30 2.22
CA GLY A 9 -3.63 7.18 3.22
C GLY A 9 -2.53 6.44 3.99
N PRO A 10 -1.84 7.08 4.93
CA PRO A 10 -0.74 6.43 5.72
C PRO A 10 -1.29 5.35 6.67
N GLY A 11 -0.47 4.32 6.91
CA GLY A 11 -0.86 3.23 7.80
C GLY A 11 0.10 2.05 7.66
N VAL A 12 -0.28 0.92 8.24
CA VAL A 12 0.56 -0.29 8.19
C VAL A 12 0.16 -1.20 7.02
N ALA A 13 -0.81 -0.77 6.19
CA ALA A 13 -1.26 -1.56 5.05
C ALA A 13 -0.39 -1.24 3.83
N PHE A 14 0.55 -2.15 3.54
CA PHE A 14 1.45 -1.97 2.40
C PHE A 14 1.63 -3.31 1.67
N ARG A 15 2.14 -3.24 0.44
CA ARG A 15 2.37 -4.47 -0.36
C ARG A 15 3.20 -5.48 0.42
N ALA A 16 3.21 -6.72 -0.04
CA ALA A 16 3.98 -7.76 0.64
C ALA A 16 5.47 -7.41 0.67
N PRO A 17 6.23 -7.82 1.69
CA PRO A 17 7.68 -7.50 1.76
C PRO A 17 8.40 -7.88 0.47
N SER A 18 9.10 -6.90 -0.11
CA SER A 18 9.84 -7.11 -1.34
C SER A 18 11.30 -7.42 -1.05
N ILE A 19 12.05 -7.79 -2.10
CA ILE A 19 13.47 -8.11 -1.96
C ILE A 19 14.19 -6.86 -1.41
N HIS A 20 13.85 -5.71 -1.99
CA HIS A 20 14.44 -4.43 -1.60
C HIS A 20 13.35 -3.43 -1.17
N GLY A 21 12.21 -3.97 -0.69
CA GLY A 21 11.10 -3.13 -0.25
C GLY A 21 10.69 -2.14 -1.34
N LEU A 1 -15.58 6.69 -6.60
CA LEU A 1 -16.67 5.69 -6.42
C LEU A 1 -16.51 5.01 -5.07
N GLY A 2 -17.64 4.69 -4.44
CA GLY A 2 -17.63 4.03 -3.13
C GLY A 2 -16.94 2.67 -3.22
N GLY A 3 -17.22 1.94 -4.31
CA GLY A 3 -16.62 0.62 -4.52
C GLY A 3 -15.21 0.74 -5.05
N GLY A 4 -14.54 -0.41 -5.21
CA GLY A 4 -13.18 -0.44 -5.73
C GLY A 4 -12.17 -0.07 -4.63
N SER A 5 -10.93 0.18 -5.03
CA SER A 5 -9.88 0.54 -4.09
C SER A 5 -10.11 1.93 -3.53
N VAL A 6 -9.45 2.22 -2.41
CA VAL A 6 -9.57 3.52 -1.74
C VAL A 6 -8.18 4.16 -1.69
N ARG A 7 -8.11 5.46 -2.02
CA ARG A 7 -6.83 6.16 -1.99
C ARG A 7 -6.62 6.84 -0.64
N PHE A 8 -5.63 6.33 0.08
CA PHE A 8 -5.30 6.83 1.42
C PHE A 8 -3.79 6.93 1.58
N GLY A 9 -3.34 7.36 2.76
CA GLY A 9 -1.91 7.51 3.03
C GLY A 9 -1.21 6.15 2.98
N PRO A 10 0.11 6.07 3.12
CA PRO A 10 0.84 4.77 3.04
C PRO A 10 0.23 3.70 3.94
N GLY A 11 -0.16 4.10 5.16
CA GLY A 11 -0.79 3.18 6.10
C GLY A 11 0.05 1.91 6.28
N VAL A 12 -0.60 0.75 6.15
CA VAL A 12 0.08 -0.54 6.28
C VAL A 12 0.06 -1.33 4.96
N ALA A 13 -0.64 -0.81 3.94
CA ALA A 13 -0.71 -1.48 2.64
C ALA A 13 0.46 -1.04 1.76
N PHE A 14 1.47 -1.90 1.67
CA PHE A 14 2.65 -1.62 0.87
C PHE A 14 3.09 -2.87 0.11
N ARG A 15 3.94 -2.68 -0.91
CA ARG A 15 4.44 -3.80 -1.71
C ARG A 15 5.03 -4.89 -0.82
N ALA A 16 5.24 -6.08 -1.38
CA ALA A 16 5.81 -7.18 -0.60
C ALA A 16 7.21 -6.82 -0.11
N PRO A 17 7.67 -7.34 1.03
CA PRO A 17 9.03 -7.02 1.55
C PRO A 17 10.10 -7.23 0.49
N SER A 18 10.94 -6.21 0.30
CA SER A 18 12.00 -6.26 -0.69
C SER A 18 13.32 -6.69 -0.05
N ILE A 19 13.99 -7.66 -0.69
CA ILE A 19 15.27 -8.20 -0.21
C ILE A 19 15.29 -8.39 1.31
N HIS A 20 14.12 -8.61 1.91
CA HIS A 20 14.01 -8.82 3.35
C HIS A 20 13.55 -10.25 3.69
N GLY A 21 13.66 -11.16 2.71
CA GLY A 21 13.25 -12.55 2.92
C GLY A 21 13.97 -13.16 4.11
N LEU A 1 -9.23 1.77 -16.24
CA LEU A 1 -8.19 0.71 -16.30
C LEU A 1 -7.09 1.01 -15.29
N GLY A 2 -7.09 0.29 -14.18
CA GLY A 2 -6.08 0.48 -13.13
C GLY A 2 -6.30 -0.49 -11.98
N GLY A 3 -5.47 -0.37 -10.95
CA GLY A 3 -5.57 -1.24 -9.78
C GLY A 3 -6.67 -0.76 -8.83
N GLY A 4 -6.89 -1.52 -7.76
CA GLY A 4 -7.92 -1.17 -6.77
C GLY A 4 -7.29 -0.63 -5.50
N SER A 5 -7.92 0.39 -4.92
CA SER A 5 -7.43 1.01 -3.69
C SER A 5 -5.97 1.45 -3.85
N VAL A 6 -5.63 1.94 -5.04
CA VAL A 6 -4.28 2.40 -5.33
C VAL A 6 -3.93 3.62 -4.47
N ARG A 7 -4.89 4.53 -4.32
CA ARG A 7 -4.66 5.75 -3.52
C ARG A 7 -5.24 5.58 -2.12
N PHE A 8 -4.33 5.50 -1.15
CA PHE A 8 -4.70 5.33 0.26
C PHE A 8 -3.82 6.20 1.15
N GLY A 9 -4.33 6.51 2.35
CA GLY A 9 -3.59 7.33 3.30
C GLY A 9 -2.52 6.50 4.03
N PRO A 10 -1.61 7.13 4.78
CA PRO A 10 -0.53 6.40 5.53
C PRO A 10 -1.11 5.36 6.48
N GLY A 11 -0.43 4.22 6.59
CA GLY A 11 -0.86 3.13 7.47
C GLY A 11 0.07 1.93 7.37
N VAL A 12 -0.30 0.85 8.07
CA VAL A 12 0.51 -0.38 8.06
C VAL A 12 0.20 -1.26 6.85
N ALA A 13 -0.75 -0.84 6.01
CA ALA A 13 -1.12 -1.63 4.82
C ALA A 13 -0.20 -1.30 3.65
N PHE A 14 0.76 -2.19 3.40
CA PHE A 14 1.71 -2.01 2.31
C PHE A 14 1.94 -3.34 1.59
N ARG A 15 2.50 -3.28 0.38
CA ARG A 15 2.76 -4.48 -0.41
C ARG A 15 3.56 -5.50 0.41
N ALA A 16 3.57 -6.76 -0.02
CA ALA A 16 4.29 -7.80 0.70
C ALA A 16 5.79 -7.45 0.75
N PRO A 17 6.52 -7.85 1.78
CA PRO A 17 7.97 -7.54 1.89
C PRO A 17 8.71 -7.95 0.63
N SER A 18 9.45 -7.00 0.06
CA SER A 18 10.21 -7.21 -1.16
C SER A 18 11.66 -7.56 -0.83
N ILE A 19 12.39 -8.05 -1.83
CA ILE A 19 13.80 -8.41 -1.64
C ILE A 19 14.56 -7.16 -1.20
N HIS A 20 14.31 -6.06 -1.92
CA HIS A 20 14.92 -4.76 -1.60
C HIS A 20 14.09 -4.01 -0.55
N GLY A 21 12.86 -4.49 -0.28
CA GLY A 21 11.97 -3.85 0.70
C GLY A 21 11.84 -2.35 0.44
N LEU A 1 -12.46 10.43 -10.26
CA LEU A 1 -12.44 9.41 -11.35
C LEU A 1 -11.47 8.28 -10.97
N GLY A 2 -11.43 7.95 -9.68
CA GLY A 2 -10.56 6.88 -9.18
C GLY A 2 -11.18 5.51 -9.43
N GLY A 3 -10.44 4.46 -9.10
CA GLY A 3 -10.91 3.09 -9.27
C GLY A 3 -9.85 2.08 -8.82
N GLY A 4 -10.17 0.80 -8.98
CA GLY A 4 -9.24 -0.27 -8.60
C GLY A 4 -8.90 -0.19 -7.12
N SER A 5 -7.60 -0.24 -6.81
CA SER A 5 -7.13 -0.17 -5.43
C SER A 5 -7.48 1.17 -4.81
N VAL A 6 -7.82 1.12 -3.52
CA VAL A 6 -8.19 2.33 -2.78
C VAL A 6 -6.95 3.19 -2.52
N ARG A 7 -7.11 4.51 -2.67
CA ARG A 7 -6.00 5.43 -2.43
C ARG A 7 -6.03 5.92 -0.99
N PHE A 8 -4.97 5.61 -0.27
CA PHE A 8 -4.84 5.96 1.15
C PHE A 8 -3.43 6.45 1.46
N GLY A 9 -3.29 7.13 2.60
CA GLY A 9 -2.00 7.66 3.03
C GLY A 9 -1.12 6.56 3.64
N PRO A 10 0.07 6.88 4.15
CA PRO A 10 0.99 5.86 4.75
C PRO A 10 0.31 5.05 5.86
N GLY A 11 0.60 3.75 5.90
CA GLY A 11 0.02 2.86 6.90
C GLY A 11 0.54 1.44 6.73
N VAL A 12 -0.06 0.50 7.46
CA VAL A 12 0.33 -0.91 7.38
C VAL A 12 0.05 -1.51 6.00
N ALA A 13 -0.77 -0.82 5.19
CA ALA A 13 -1.11 -1.30 3.85
C ALA A 13 -0.05 -0.86 2.84
N PHE A 14 0.86 -1.78 2.51
CA PHE A 14 1.92 -1.51 1.56
C PHE A 14 2.12 -2.72 0.63
N ARG A 15 2.84 -2.51 -0.47
CA ARG A 15 3.11 -3.59 -1.43
C ARG A 15 3.67 -4.82 -0.70
N ALA A 16 3.82 -5.93 -1.43
CA ALA A 16 4.33 -7.15 -0.81
C ALA A 16 5.73 -6.91 -0.22
N PRO A 17 6.10 -7.57 0.88
CA PRO A 17 7.46 -7.36 1.50
C PRO A 17 8.58 -7.87 0.60
N SER A 18 9.51 -6.97 0.29
CA SER A 18 10.65 -7.29 -0.56
C SER A 18 11.86 -7.66 0.30
N ILE A 19 12.82 -8.36 -0.31
CA ILE A 19 14.04 -8.75 0.40
C ILE A 19 14.76 -7.49 0.87
N HIS A 20 14.89 -6.54 -0.06
CA HIS A 20 15.52 -5.25 0.22
C HIS A 20 14.51 -4.24 0.80
N GLY A 21 13.21 -4.57 0.70
CA GLY A 21 12.15 -3.69 1.20
C GLY A 21 12.30 -2.28 0.64
N LEU A 1 -16.41 6.54 -6.63
CA LEU A 1 -17.43 5.72 -5.92
C LEU A 1 -17.22 4.25 -6.27
N GLY A 2 -16.79 3.47 -5.28
CA GLY A 2 -16.55 2.04 -5.49
C GLY A 2 -16.05 1.39 -4.20
N GLY A 3 -15.76 0.09 -4.28
CA GLY A 3 -15.28 -0.67 -3.12
C GLY A 3 -13.79 -0.41 -2.90
N GLY A 4 -13.26 -0.99 -1.81
CA GLY A 4 -11.85 -0.83 -1.47
C GLY A 4 -11.49 0.64 -1.30
N SER A 5 -10.41 1.06 -1.95
CA SER A 5 -9.95 2.45 -1.87
C SER A 5 -9.18 2.84 -3.12
N VAL A 6 -9.10 4.15 -3.37
CA VAL A 6 -8.36 4.66 -4.55
C VAL A 6 -7.21 5.54 -4.09
N ARG A 7 -7.55 6.64 -3.39
CA ARG A 7 -6.53 7.56 -2.87
C ARG A 7 -6.42 7.43 -1.37
N PHE A 8 -5.37 6.74 -0.94
CA PHE A 8 -5.11 6.48 0.47
C PHE A 8 -3.63 6.65 0.80
N GLY A 9 -3.33 6.84 2.09
CA GLY A 9 -1.95 7.00 2.54
C GLY A 9 -1.25 5.63 2.59
N PRO A 10 0.06 5.57 2.85
CA PRO A 10 0.80 4.27 2.91
C PRO A 10 0.14 3.30 3.87
N GLY A 11 -0.31 3.80 5.02
CA GLY A 11 -0.97 2.98 6.02
C GLY A 11 -0.12 1.76 6.38
N VAL A 12 -0.76 0.58 6.39
CA VAL A 12 -0.07 -0.66 6.70
C VAL A 12 -0.15 -1.66 5.54
N ALA A 13 -0.92 -1.33 4.49
CA ALA A 13 -1.05 -2.21 3.33
C ALA A 13 0.05 -1.93 2.32
N PHE A 14 1.07 -2.78 2.33
CA PHE A 14 2.20 -2.64 1.42
C PHE A 14 2.61 -4.01 0.87
N ARG A 15 3.39 -4.01 -0.21
CA ARG A 15 3.85 -5.26 -0.84
C ARG A 15 4.52 -6.16 0.19
N ALA A 16 4.64 -7.45 -0.12
CA ALA A 16 5.26 -8.39 0.80
C ALA A 16 6.72 -7.97 1.08
N PRO A 17 7.27 -8.27 2.25
CA PRO A 17 8.68 -7.86 2.57
C PRO A 17 9.63 -8.30 1.47
N SER A 18 10.39 -7.34 0.96
CA SER A 18 11.36 -7.60 -0.10
C SER A 18 12.75 -7.81 0.48
N ILE A 19 13.68 -8.31 -0.36
CA ILE A 19 15.06 -8.54 0.08
C ILE A 19 15.64 -7.21 0.55
N HIS A 20 15.45 -6.19 -0.28
CA HIS A 20 15.90 -4.83 0.02
C HIS A 20 14.87 -4.07 0.87
N GLY A 21 13.66 -4.64 1.00
CA GLY A 21 12.59 -4.01 1.78
C GLY A 21 13.07 -3.69 3.20
N LEU A 1 -13.29 -1.24 -3.29
CA LEU A 1 -14.64 -1.04 -3.88
C LEU A 1 -14.66 -1.61 -5.30
N GLY A 2 -13.76 -1.09 -6.15
CA GLY A 2 -13.67 -1.54 -7.53
C GLY A 2 -12.58 -0.79 -8.28
N GLY A 3 -12.46 -1.07 -9.59
CA GLY A 3 -11.46 -0.41 -10.42
C GLY A 3 -10.05 -0.69 -9.91
N GLY A 4 -9.26 0.38 -9.77
CA GLY A 4 -7.89 0.26 -9.29
C GLY A 4 -7.85 0.15 -7.77
N SER A 5 -6.65 0.01 -7.22
CA SER A 5 -6.47 -0.10 -5.77
C SER A 5 -6.90 1.17 -5.07
N VAL A 6 -7.53 1.00 -3.92
CA VAL A 6 -8.02 2.12 -3.12
C VAL A 6 -6.85 3.04 -2.77
N ARG A 7 -7.07 4.36 -2.92
CA ARG A 7 -6.03 5.33 -2.61
C ARG A 7 -6.16 5.79 -1.17
N PHE A 8 -5.12 5.52 -0.40
CA PHE A 8 -5.09 5.84 1.02
C PHE A 8 -3.72 6.41 1.43
N GLY A 9 -3.68 7.08 2.58
CA GLY A 9 -2.45 7.67 3.09
C GLY A 9 -1.56 6.61 3.76
N PRO A 10 -0.42 6.99 4.35
CA PRO A 10 0.49 6.02 5.02
C PRO A 10 -0.21 5.20 6.09
N GLY A 11 0.14 3.91 6.17
CA GLY A 11 -0.46 3.00 7.14
C GLY A 11 0.14 1.61 7.02
N VAL A 12 -0.45 0.66 7.74
CA VAL A 12 0.02 -0.74 7.72
C VAL A 12 -0.15 -1.37 6.33
N ALA A 13 -0.98 -0.75 5.48
CA ALA A 13 -1.22 -1.28 4.13
C ALA A 13 -0.14 -0.79 3.17
N PHE A 14 0.82 -1.66 2.90
CA PHE A 14 1.93 -1.35 1.99
C PHE A 14 2.22 -2.56 1.09
N ARG A 15 2.98 -2.33 0.01
CA ARG A 15 3.34 -3.41 -0.92
C ARG A 15 3.95 -4.58 -0.17
N ALA A 16 3.97 -5.76 -0.79
CA ALA A 16 4.53 -6.95 -0.15
C ALA A 16 6.00 -6.71 0.18
N PRO A 17 6.56 -7.35 1.20
CA PRO A 17 8.00 -7.16 1.57
C PRO A 17 8.91 -7.34 0.37
N SER A 18 9.84 -6.40 0.21
CA SER A 18 10.79 -6.43 -0.89
C SER A 18 11.81 -7.54 -0.70
N ILE A 19 12.62 -7.80 -1.73
CA ILE A 19 13.64 -8.84 -1.67
C ILE A 19 14.58 -8.53 -0.50
N HIS A 20 15.01 -7.29 -0.45
CA HIS A 20 15.88 -6.80 0.62
C HIS A 20 15.07 -6.49 1.89
N GLY A 21 13.73 -6.48 1.78
CA GLY A 21 12.86 -6.20 2.92
C GLY A 21 13.20 -7.08 4.11
N LEU A 1 -9.27 10.48 -8.13
CA LEU A 1 -9.33 9.57 -9.31
C LEU A 1 -9.31 8.12 -8.83
N GLY A 2 -10.09 7.27 -9.49
CA GLY A 2 -10.17 5.85 -9.13
C GLY A 2 -8.99 5.09 -9.72
N GLY A 3 -8.92 3.78 -9.42
CA GLY A 3 -7.85 2.93 -9.92
C GLY A 3 -8.03 1.49 -9.45
N GLY A 4 -7.07 0.63 -9.82
CA GLY A 4 -7.11 -0.77 -9.44
C GLY A 4 -7.08 -0.94 -7.92
N SER A 5 -6.26 -0.12 -7.27
CA SER A 5 -6.13 -0.16 -5.82
C SER A 5 -6.52 1.17 -5.19
N VAL A 6 -7.17 1.09 -4.03
CA VAL A 6 -7.61 2.27 -3.31
C VAL A 6 -6.41 3.14 -2.94
N ARG A 7 -6.55 4.45 -3.12
CA ARG A 7 -5.47 5.38 -2.80
C ARG A 7 -5.62 5.88 -1.37
N PHE A 8 -4.62 5.56 -0.56
CA PHE A 8 -4.61 5.92 0.85
C PHE A 8 -3.22 6.40 1.28
N GLY A 9 -3.17 7.10 2.43
CA GLY A 9 -1.91 7.62 2.96
C GLY A 9 -1.11 6.52 3.67
N PRO A 10 0.02 6.85 4.29
CA PRO A 10 0.87 5.83 5.01
C PRO A 10 0.07 5.07 6.07
N GLY A 11 0.35 3.77 6.18
CA GLY A 11 -0.34 2.93 7.16
C GLY A 11 0.17 1.49 7.08
N VAL A 12 -0.49 0.59 7.82
CA VAL A 12 -0.09 -0.82 7.84
C VAL A 12 -0.29 -1.49 6.47
N ALA A 13 -1.08 -0.85 5.59
CA ALA A 13 -1.33 -1.40 4.26
C ALA A 13 -0.21 -1.00 3.30
N PHE A 14 0.71 -1.93 3.07
CA PHE A 14 1.84 -1.69 2.17
C PHE A 14 2.09 -2.93 1.30
N ARG A 15 2.87 -2.76 0.23
CA ARG A 15 3.18 -3.87 -0.68
C ARG A 15 3.73 -5.06 0.10
N ALA A 16 3.64 -6.26 -0.48
CA ALA A 16 4.13 -7.46 0.19
C ALA A 16 5.64 -7.33 0.47
N PRO A 17 6.17 -7.96 1.53
CA PRO A 17 7.62 -7.84 1.86
C PRO A 17 8.49 -8.10 0.65
N SER A 18 9.27 -7.09 0.27
CA SER A 18 10.17 -7.18 -0.88
C SER A 18 11.58 -7.54 -0.42
N ILE A 19 12.44 -7.81 -1.40
CA ILE A 19 13.83 -8.17 -1.12
C ILE A 19 14.49 -7.00 -0.37
N HIS A 20 14.24 -5.79 -0.85
CA HIS A 20 14.79 -4.57 -0.27
C HIS A 20 13.70 -3.52 -0.03
N GLY A 21 12.48 -3.99 0.25
CA GLY A 21 11.35 -3.11 0.52
C GLY A 21 11.62 -2.22 1.73
N LEU A 1 -5.19 14.22 -5.87
CA LEU A 1 -6.54 13.69 -6.23
C LEU A 1 -6.39 12.23 -6.66
N GLY A 2 -7.22 11.37 -6.05
CA GLY A 2 -7.19 9.94 -6.37
C GLY A 2 -8.24 9.18 -5.55
N GLY A 3 -8.27 7.86 -5.72
CA GLY A 3 -9.23 7.02 -5.01
C GLY A 3 -8.99 5.54 -5.31
N GLY A 4 -9.78 4.68 -4.67
CA GLY A 4 -9.66 3.24 -4.86
C GLY A 4 -8.54 2.66 -3.99
N SER A 5 -8.34 1.35 -4.11
CA SER A 5 -7.29 0.67 -3.33
C SER A 5 -5.90 1.16 -3.70
N VAL A 6 -5.75 1.71 -4.91
CA VAL A 6 -4.45 2.20 -5.38
C VAL A 6 -4.00 3.40 -4.54
N ARG A 7 -4.92 4.34 -4.27
CA ARG A 7 -4.58 5.53 -3.48
C ARG A 7 -5.11 5.42 -2.05
N PHE A 8 -4.17 5.35 -1.12
CA PHE A 8 -4.49 5.24 0.31
C PHE A 8 -3.55 6.12 1.14
N GLY A 9 -4.00 6.49 2.34
CA GLY A 9 -3.19 7.33 3.23
C GLY A 9 -2.14 6.49 3.97
N PRO A 10 -1.24 7.10 4.74
CA PRO A 10 -0.18 6.34 5.49
C PRO A 10 -0.78 5.31 6.44
N GLY A 11 -0.12 4.15 6.54
CA GLY A 11 -0.59 3.08 7.42
C GLY A 11 0.30 1.85 7.27
N VAL A 12 -0.12 0.76 7.92
CA VAL A 12 0.63 -0.50 7.87
C VAL A 12 0.24 -1.36 6.66
N ALA A 13 -0.70 -0.88 5.84
CA ALA A 13 -1.15 -1.62 4.67
C ALA A 13 -0.25 -1.32 3.47
N PHE A 14 0.67 -2.24 3.19
CA PHE A 14 1.59 -2.09 2.07
C PHE A 14 1.75 -3.43 1.33
N ARG A 15 2.29 -3.37 0.11
CA ARG A 15 2.49 -4.58 -0.69
C ARG A 15 3.26 -5.63 0.11
N ALA A 16 3.39 -6.84 -0.44
CA ALA A 16 4.11 -7.91 0.25
C ALA A 16 5.58 -7.48 0.47
N PRO A 17 6.24 -7.94 1.54
CA PRO A 17 7.66 -7.55 1.81
C PRO A 17 8.59 -7.98 0.67
N SER A 18 9.28 -7.01 0.08
CA SER A 18 10.20 -7.29 -1.01
C SER A 18 11.62 -7.43 -0.49
N ILE A 19 12.52 -7.85 -1.38
CA ILE A 19 13.93 -8.03 -1.04
C ILE A 19 14.50 -6.69 -0.57
N HIS A 20 14.17 -5.64 -1.33
CA HIS A 20 14.64 -4.28 -1.05
C HIS A 20 13.49 -3.27 -1.05
N GLY A 21 12.29 -3.75 -0.67
CA GLY A 21 11.10 -2.90 -0.62
C GLY A 21 11.29 -1.78 0.39
#